data_2W79
#
_entry.id   2W79
#
_cell.length_a   49.000
_cell.length_b   64.100
_cell.length_c   79.200
_cell.angle_alpha   90.00
_cell.angle_beta   94.00
_cell.angle_gamma   90.00
#
_symmetry.space_group_name_H-M   'P 1 21 1'
#
loop_
_entity.id
_entity.type
_entity.pdbx_description
1 polymer '1-(5-PHOSPHORIBOSYL)-5-[(5-PHOSPHORIBOSYLAMINO) METHYLIDENEAMINO] IMIDAZOLE-4-CARBOXAMIDE ISOMERASE'
2 non-polymer 'CHLORIDE ION'
3 water water
#
_entity_poly.entity_id   1
_entity_poly.type   'polypeptide(L)'
_entity_poly.pdbx_seq_one_letter_code
;MLVVPAIDLFRGKVARMIKGRKENTIFYEKDPVELVEKLIEEGFTLIHVVDLSNAIENSGENLPVLEKLSEFAEYIQIGG
GIRSLDYAEKLRKLGYRRQIVSSKVLEDPSSLKSLREIDVEPVFSLVTRGGRVAFKGWLAEEEIDPVSLLKRLKEYGLEE
IVHTEIEKVGTLQEHDFSLTKKIAIEAEVKVLAAGGISSENSLKTAQKVHTETNGLLKGVIVGRAFLEGILTVEVMKRYA
R
;
_entity_poly.pdbx_strand_id   A,B
#
loop_
_chem_comp.id
_chem_comp.type
_chem_comp.name
_chem_comp.formula
CL non-polymer 'CHLORIDE ION' 'Cl -1'
#
# COMPACT_ATOMS: atom_id res chain seq x y z
N MET A 1 -13.85 -4.88 -12.80
CA MET A 1 -14.23 -5.85 -11.76
C MET A 1 -15.30 -5.17 -10.91
N LEU A 2 -16.11 -5.95 -10.21
CA LEU A 2 -17.11 -5.36 -9.34
C LEU A 2 -16.48 -4.91 -8.03
N VAL A 3 -16.98 -3.81 -7.49
CA VAL A 3 -16.58 -3.32 -6.18
C VAL A 3 -17.87 -3.10 -5.42
N VAL A 4 -18.12 -4.00 -4.49
CA VAL A 4 -19.45 -4.08 -3.86
C VAL A 4 -19.49 -3.61 -2.38
N PRO A 5 -20.07 -2.42 -2.14
CA PRO A 5 -20.23 -1.94 -0.76
C PRO A 5 -21.17 -2.85 -0.02
N ALA A 6 -20.86 -3.12 1.26
CA ALA A 6 -21.65 -3.99 2.11
C ALA A 6 -22.19 -3.26 3.32
N ILE A 7 -23.42 -3.61 3.65
CA ILE A 7 -24.14 -3.03 4.76
C ILE A 7 -24.71 -4.20 5.56
N ASP A 8 -24.40 -4.28 6.85
CA ASP A 8 -25.09 -5.22 7.75
C ASP A 8 -26.17 -4.47 8.51
N LEU A 9 -27.29 -5.14 8.74
CA LEU A 9 -28.45 -4.56 9.44
C LEU A 9 -28.73 -5.36 10.68
N PHE A 10 -29.02 -4.66 11.77
CA PHE A 10 -29.33 -5.26 13.06
C PHE A 10 -30.21 -4.30 13.84
N ARG A 11 -31.39 -4.78 14.18
CA ARG A 11 -32.41 -4.00 14.91
C ARG A 11 -32.80 -2.71 14.18
N GLY A 12 -33.03 -2.82 12.88
CA GLY A 12 -33.34 -1.67 12.03
C GLY A 12 -32.16 -0.79 11.58
N LYS A 13 -30.97 -1.03 12.13
CA LYS A 13 -29.86 -0.12 11.94
C LYS A 13 -28.67 -0.70 11.16
N VAL A 14 -28.00 0.18 10.40
CA VAL A 14 -26.67 -0.12 9.88
C VAL A 14 -25.76 -0.43 11.08
N ALA A 15 -25.12 -1.60 11.05
CA ALA A 15 -24.42 -2.14 12.21
C ALA A 15 -23.16 -2.88 11.81
N ARG A 16 -22.30 -3.17 12.79
CA ARG A 16 -21.17 -4.07 12.62
C ARG A 16 -20.94 -4.83 13.92
N MET A 17 -20.85 -6.15 13.84
CA MET A 17 -20.55 -6.99 15.00
C MET A 17 -19.08 -7.36 15.03
N ILE A 18 -18.41 -7.06 16.14
CA ILE A 18 -16.99 -7.36 16.31
C ILE A 18 -16.82 -8.87 16.49
N LYS A 19 -16.02 -9.47 15.61
CA LYS A 19 -15.83 -10.94 15.54
C LYS A 19 -17.16 -11.68 15.40
N GLY A 20 -18.15 -11.02 14.82
CA GLY A 20 -19.49 -11.59 14.71
C GLY A 20 -20.23 -11.85 16.02
N ARG A 21 -19.81 -11.19 17.11
CA ARG A 21 -20.48 -11.38 18.41
C ARG A 21 -21.52 -10.28 18.69
N LYS A 22 -22.77 -10.69 18.95
CA LYS A 22 -23.90 -9.76 19.04
C LYS A 22 -23.84 -8.81 20.24
N GLU A 23 -23.16 -9.25 21.29
CA GLU A 23 -22.93 -8.42 22.47
C GLU A 23 -21.94 -7.28 22.17
N ASN A 24 -21.22 -7.40 21.04
CA ASN A 24 -20.23 -6.41 20.60
C ASN A 24 -20.61 -5.76 19.27
N THR A 25 -21.81 -5.17 19.23
CA THR A 25 -22.35 -4.57 18.03
C THR A 25 -22.20 -3.06 18.05
N ILE A 26 -21.58 -2.54 17.00
CA ILE A 26 -21.44 -1.12 16.79
C ILE A 26 -22.58 -0.69 15.89
N PHE A 27 -23.29 0.36 16.30
CA PHE A 27 -24.39 0.88 15.50
C PHE A 27 -23.94 2.16 14.86
N TYR A 28 -24.32 2.35 13.61
CA TYR A 28 -24.00 3.60 12.94
C TYR A 28 -25.25 4.43 12.82
N GLU A 29 -25.05 5.74 12.88
CA GLU A 29 -26.09 6.69 12.61
C GLU A 29 -25.88 7.15 11.16
N LYS A 30 -26.25 6.26 10.23
CA LYS A 30 -26.59 6.61 8.84
C LYS A 30 -27.88 5.86 8.50
N ASP A 31 -28.79 6.52 7.81
CA ASP A 31 -30.03 5.87 7.41
C ASP A 31 -29.77 4.87 6.26
N PRO A 32 -30.13 3.57 6.45
CA PRO A 32 -29.78 2.56 5.42
C PRO A 32 -30.38 2.83 4.04
N VAL A 33 -31.60 3.36 3.99
CA VAL A 33 -32.25 3.67 2.74
C VAL A 33 -31.53 4.85 2.05
N GLU A 34 -31.21 5.89 2.82
CA GLU A 34 -30.46 7.03 2.30
C GLU A 34 -29.12 6.57 1.75
N LEU A 35 -28.44 5.75 2.54
CA LEU A 35 -27.15 5.18 2.17
C LEU A 35 -27.20 4.45 0.82
N VAL A 36 -28.14 3.51 0.67
CA VAL A 36 -28.34 2.79 -0.59
C VAL A 36 -28.68 3.72 -1.78
N GLU A 37 -29.59 4.67 -1.56
CA GLU A 37 -29.91 5.71 -2.55
C GLU A 37 -28.68 6.42 -3.08
N LYS A 38 -27.80 6.82 -2.16
CA LYS A 38 -26.59 7.55 -2.49
C LYS A 38 -25.68 6.70 -3.35
N LEU A 39 -25.49 5.44 -2.94
CA LEU A 39 -24.65 4.49 -3.68
C LEU A 39 -25.14 4.28 -5.10
N ILE A 40 -26.45 4.16 -5.28
CA ILE A 40 -27.01 4.01 -6.63
C ILE A 40 -26.79 5.29 -7.48
N GLU A 41 -26.99 6.46 -6.87
CA GLU A 41 -26.64 7.73 -7.51
C GLU A 41 -25.16 7.80 -7.93
N GLU A 42 -24.29 7.23 -7.09
CA GLU A 42 -22.85 7.21 -7.37
C GLU A 42 -22.49 6.19 -8.46
N GLY A 43 -23.47 5.42 -8.93
CA GLY A 43 -23.24 4.45 -9.99
C GLY A 43 -22.96 3.01 -9.57
N PHE A 44 -23.21 2.68 -8.30
CA PHE A 44 -23.07 1.28 -7.86
C PHE A 44 -24.29 0.48 -8.29
N THR A 45 -24.05 -0.70 -8.82
CA THR A 45 -25.13 -1.52 -9.39
C THR A 45 -25.29 -2.81 -8.60
N LEU A 46 -24.42 -3.00 -7.60
CA LEU A 46 -24.49 -4.17 -6.72
C LEU A 46 -24.02 -3.78 -5.32
N ILE A 47 -24.92 -4.01 -4.36
CA ILE A 47 -24.73 -3.66 -2.95
C ILE A 47 -25.11 -4.94 -2.15
N HIS A 48 -24.30 -5.24 -1.13
CA HIS A 48 -24.38 -6.47 -0.36
C HIS A 48 -25.03 -6.05 0.94
N VAL A 49 -26.21 -6.59 1.19
CA VAL A 49 -26.98 -6.28 2.39
C VAL A 49 -27.24 -7.56 3.17
N VAL A 50 -26.85 -7.59 4.44
CA VAL A 50 -27.05 -8.79 5.25
C VAL A 50 -27.96 -8.45 6.45
N ASP A 51 -29.04 -9.22 6.59
CA ASP A 51 -29.94 -9.09 7.72
C ASP A 51 -29.38 -9.93 8.86
N LEU A 52 -28.64 -9.29 9.78
CA LEU A 52 -28.11 -9.98 10.95
C LEU A 52 -29.16 -10.37 11.99
N SER A 53 -30.23 -9.59 12.14
CA SER A 53 -31.31 -10.00 13.08
C SER A 53 -31.86 -11.36 12.71
N ASN A 54 -32.14 -11.57 11.41
CA ASN A 54 -32.65 -12.88 10.96
C ASN A 54 -31.60 -14.00 11.01
N ALA A 55 -30.36 -13.66 10.67
CA ALA A 55 -29.27 -14.60 10.64
C ALA A 55 -29.00 -15.19 12.00
N ILE A 56 -28.87 -14.32 12.99
CA ILE A 56 -28.44 -14.68 14.34
C ILE A 56 -29.60 -15.12 15.24
N GLU A 57 -30.77 -14.48 15.09
CA GLU A 57 -31.90 -14.73 16.00
C GLU A 57 -33.19 -15.19 15.33
N ASN A 58 -33.22 -15.29 14.01
CA ASN A 58 -34.48 -15.57 13.32
C ASN A 58 -35.51 -14.48 13.54
N SER A 59 -35.02 -13.31 13.91
CA SER A 59 -35.82 -12.14 14.13
C SER A 59 -36.21 -11.48 12.81
N GLY A 60 -37.49 -11.11 12.73
CA GLY A 60 -38.06 -10.41 11.58
C GLY A 60 -38.01 -8.90 11.75
N GLU A 61 -37.23 -8.47 12.73
CA GLU A 61 -37.03 -7.05 13.04
C GLU A 61 -36.49 -6.14 11.92
N ASN A 62 -35.80 -6.67 10.93
CA ASN A 62 -35.32 -5.81 9.85
C ASN A 62 -36.23 -5.85 8.62
N LEU A 63 -37.40 -6.48 8.74
CA LEU A 63 -38.27 -6.54 7.57
C LEU A 63 -38.79 -5.16 7.13
N PRO A 64 -39.16 -4.25 8.08
CA PRO A 64 -39.56 -2.92 7.60
C PRO A 64 -38.47 -2.19 6.79
N VAL A 65 -37.22 -2.27 7.23
CA VAL A 65 -36.09 -1.73 6.46
C VAL A 65 -35.91 -2.44 5.09
N LEU A 66 -36.03 -3.77 5.07
CA LEU A 66 -35.91 -4.51 3.81
C LEU A 66 -37.00 -4.19 2.80
N GLU A 67 -38.21 -3.95 3.30
CA GLU A 67 -39.30 -3.49 2.46
C GLU A 67 -39.00 -2.09 1.91
N LYS A 68 -38.45 -1.19 2.73
CA LYS A 68 -38.08 0.15 2.25
C LYS A 68 -36.95 0.07 1.24
N LEU A 69 -36.00 -0.83 1.49
CA LEU A 69 -34.88 -1.03 0.57
C LEU A 69 -35.26 -1.73 -0.73
N SER A 70 -36.42 -2.39 -0.76
CA SER A 70 -36.81 -3.25 -1.87
C SER A 70 -37.01 -2.47 -3.19
N GLU A 71 -37.30 -1.18 -3.05
CA GLU A 71 -37.36 -0.25 -4.18
C GLU A 71 -36.11 -0.38 -5.04
N PHE A 72 -35.01 -0.73 -4.40
CA PHE A 72 -33.70 -0.81 -5.03
C PHE A 72 -33.21 -2.24 -5.07
N ALA A 73 -34.13 -3.18 -4.86
CA ALA A 73 -33.79 -4.61 -4.76
C ALA A 73 -32.99 -5.09 -5.97
N GLU A 74 -33.22 -4.46 -7.12
CA GLU A 74 -32.49 -4.77 -8.33
C GLU A 74 -30.96 -4.63 -8.16
N TYR A 75 -30.55 -3.75 -7.25
CA TYR A 75 -29.12 -3.47 -7.08
C TYR A 75 -28.58 -4.07 -5.81
N ILE A 76 -29.30 -5.01 -5.24
CA ILE A 76 -28.95 -5.56 -3.93
C ILE A 76 -28.79 -7.08 -4.05
N GLN A 77 -27.75 -7.62 -3.44
CA GLN A 77 -27.75 -9.02 -3.07
C GLN A 77 -28.00 -9.14 -1.56
N ILE A 78 -29.00 -9.91 -1.21
CA ILE A 78 -29.47 -9.96 0.17
C ILE A 78 -29.07 -11.29 0.80
N GLY A 79 -28.56 -11.27 2.03
CA GLY A 79 -28.25 -12.50 2.76
C GLY A 79 -28.69 -12.34 4.21
N GLY A 80 -28.65 -13.45 4.95
CA GLY A 80 -28.87 -13.48 6.39
C GLY A 80 -30.08 -14.33 6.73
N GLY A 81 -29.80 -15.57 7.11
CA GLY A 81 -30.83 -16.48 7.59
C GLY A 81 -31.83 -16.91 6.53
N ILE A 82 -31.42 -16.88 5.26
CA ILE A 82 -32.28 -17.39 4.20
C ILE A 82 -32.17 -18.92 4.22
N ARG A 83 -33.01 -19.55 5.03
CA ARG A 83 -32.80 -20.95 5.42
C ARG A 83 -33.92 -21.83 4.93
N SER A 84 -34.86 -21.23 4.21
CA SER A 84 -36.01 -21.95 3.66
C SER A 84 -36.40 -21.35 2.32
N LEU A 85 -36.99 -22.19 1.45
CA LEU A 85 -37.54 -21.72 0.18
C LEU A 85 -38.67 -20.70 0.38
N ASP A 86 -39.47 -20.92 1.42
CA ASP A 86 -40.52 -19.95 1.76
C ASP A 86 -39.93 -18.56 2.08
N TYR A 87 -38.86 -18.52 2.87
CA TYR A 87 -38.21 -17.24 3.19
C TYR A 87 -37.70 -16.54 1.92
N ALA A 88 -37.01 -17.33 1.10
CA ALA A 88 -36.48 -16.87 -0.17
C ALA A 88 -37.59 -16.36 -1.10
N GLU A 89 -38.74 -17.02 -1.07
CA GLU A 89 -39.89 -16.61 -1.87
C GLU A 89 -40.43 -15.27 -1.37
N LYS A 90 -40.50 -15.14 -0.05
CA LYS A 90 -40.91 -13.90 0.62
C LYS A 90 -40.04 -12.75 0.13
N LEU A 91 -38.73 -12.94 0.17
CA LEU A 91 -37.83 -11.87 -0.27
C LEU A 91 -37.97 -11.54 -1.75
N ARG A 92 -38.14 -12.58 -2.55
CA ARG A 92 -38.24 -12.47 -3.99
C ARG A 92 -39.48 -11.67 -4.39
N LYS A 93 -40.58 -11.87 -3.68
CA LYS A 93 -41.82 -11.10 -3.93
C LYS A 93 -41.63 -9.59 -3.76
N LEU A 94 -40.67 -9.22 -2.91
CA LEU A 94 -40.29 -7.83 -2.72
C LEU A 94 -39.43 -7.35 -3.86
N GLY A 95 -38.89 -8.29 -4.65
CA GLY A 95 -38.03 -7.93 -5.77
C GLY A 95 -36.58 -8.33 -5.63
N TYR A 96 -36.24 -9.02 -4.53
CA TYR A 96 -34.85 -9.49 -4.32
C TYR A 96 -34.56 -10.78 -5.08
N ARG A 97 -33.91 -10.65 -6.22
CA ARG A 97 -33.73 -11.79 -7.12
C ARG A 97 -32.41 -12.45 -6.83
N ARG A 98 -31.49 -11.72 -6.22
CA ARG A 98 -30.16 -12.22 -5.96
C ARG A 98 -29.95 -12.43 -4.46
N GLN A 99 -29.77 -13.68 -4.06
CA GLN A 99 -29.88 -14.03 -2.65
C GLN A 99 -28.71 -14.87 -2.26
N ILE A 100 -28.14 -14.56 -1.10
CA ILE A 100 -26.98 -15.27 -0.61
C ILE A 100 -27.46 -16.33 0.38
N VAL A 101 -27.07 -17.57 0.11
CA VAL A 101 -27.51 -18.71 0.92
C VAL A 101 -26.29 -19.47 1.38
N SER A 102 -26.40 -20.15 2.51
CA SER A 102 -25.26 -20.81 3.13
CA SER A 102 -25.25 -20.83 3.08
C SER A 102 -25.64 -22.18 3.66
N SER A 103 -26.07 -22.23 4.93
CA SER A 103 -26.41 -23.51 5.55
C SER A 103 -27.50 -24.26 4.77
N LYS A 104 -28.47 -23.52 4.25
CA LYS A 104 -29.52 -24.14 3.42
C LYS A 104 -28.93 -25.02 2.31
N VAL A 105 -27.93 -24.50 1.60
CA VAL A 105 -27.32 -25.24 0.47
C VAL A 105 -26.51 -26.45 0.95
N LEU A 106 -25.92 -26.32 2.14
CA LEU A 106 -25.15 -27.36 2.78
C LEU A 106 -26.01 -28.45 3.37
N GLU A 107 -27.23 -28.12 3.75
CA GLU A 107 -28.16 -29.13 4.22
C GLU A 107 -28.98 -29.74 3.10
N ASP A 108 -29.25 -28.94 2.07
CA ASP A 108 -30.18 -29.32 1.03
C ASP A 108 -29.67 -28.71 -0.29
N PRO A 109 -28.68 -29.38 -0.93
CA PRO A 109 -28.06 -28.83 -2.14
C PRO A 109 -28.99 -28.75 -3.35
N SER A 110 -30.08 -29.51 -3.35
CA SER A 110 -31.13 -29.36 -4.36
C SER A 110 -31.90 -28.04 -4.23
N SER A 111 -31.64 -27.28 -3.16
CA SER A 111 -32.30 -25.99 -2.99
C SER A 111 -31.80 -25.01 -4.05
N LEU A 112 -30.59 -25.22 -4.53
CA LEU A 112 -30.06 -24.37 -5.59
C LEU A 112 -31.03 -24.33 -6.75
N LYS A 113 -31.47 -25.49 -7.21
CA LYS A 113 -32.41 -25.62 -8.32
C LYS A 113 -33.78 -25.05 -7.95
N SER A 114 -34.24 -25.33 -6.74
CA SER A 114 -35.53 -24.85 -6.25
C SER A 114 -35.63 -23.33 -6.19
N LEU A 115 -34.52 -22.70 -5.82
CA LEU A 115 -34.39 -21.26 -5.86
C LEU A 115 -34.45 -20.72 -7.28
N ARG A 116 -33.71 -21.33 -8.20
CA ARG A 116 -33.73 -20.91 -9.61
CA ARG A 116 -33.72 -20.92 -9.62
C ARG A 116 -35.13 -21.04 -10.18
N GLU A 117 -35.85 -22.05 -9.71
CA GLU A 117 -37.22 -22.28 -10.14
C GLU A 117 -38.21 -21.21 -9.63
N ILE A 118 -37.87 -20.48 -8.57
CA ILE A 118 -38.68 -19.31 -8.14
C ILE A 118 -38.04 -17.97 -8.58
N ASP A 119 -37.18 -18.06 -9.60
CA ASP A 119 -36.48 -16.93 -10.19
C ASP A 119 -35.57 -16.20 -9.21
N VAL A 120 -34.86 -16.97 -8.39
CA VAL A 120 -33.86 -16.42 -7.51
C VAL A 120 -32.54 -16.89 -8.03
N GLU A 121 -31.57 -15.97 -8.11
CA GLU A 121 -30.22 -16.31 -8.50
C GLU A 121 -29.48 -16.60 -7.19
N PRO A 122 -29.19 -17.89 -6.92
CA PRO A 122 -28.65 -18.19 -5.61
C PRO A 122 -27.13 -18.02 -5.60
N VAL A 123 -26.62 -17.35 -4.56
CA VAL A 123 -25.19 -17.11 -4.43
C VAL A 123 -24.75 -17.81 -3.15
N PHE A 124 -23.87 -18.79 -3.27
CA PHE A 124 -23.43 -19.54 -2.11
C PHE A 124 -22.39 -18.78 -1.30
N SER A 125 -22.64 -18.66 -0.01
CA SER A 125 -21.67 -18.00 0.83
C SER A 125 -20.71 -19.04 1.43
N LEU A 126 -19.53 -19.17 0.81
CA LEU A 126 -18.48 -20.00 1.34
C LEU A 126 -17.62 -19.20 2.31
N VAL A 127 -17.43 -19.77 3.49
CA VAL A 127 -16.71 -19.09 4.54
C VAL A 127 -15.56 -20.02 4.87
N THR A 128 -14.36 -19.45 4.97
CA THR A 128 -13.19 -20.22 5.35
C THR A 128 -12.46 -19.61 6.52
N ARG A 129 -11.88 -20.47 7.34
CA ARG A 129 -11.04 -20.07 8.44
C ARG A 129 -9.68 -20.75 8.20
N GLY A 130 -8.66 -19.95 7.94
CA GLY A 130 -7.33 -20.46 7.66
C GLY A 130 -7.31 -21.40 6.46
N GLY A 131 -8.00 -21.00 5.39
CA GLY A 131 -8.11 -21.83 4.19
C GLY A 131 -9.11 -22.99 4.26
N ARG A 132 -9.65 -23.27 5.44
CA ARG A 132 -10.53 -24.42 5.63
C ARG A 132 -11.99 -24.01 5.68
N VAL A 133 -12.89 -24.89 5.22
CA VAL A 133 -14.33 -24.60 5.19
C VAL A 133 -14.84 -24.52 6.63
N ALA A 134 -15.51 -23.42 6.95
CA ALA A 134 -16.04 -23.19 8.27
C ALA A 134 -17.52 -23.43 8.20
N PHE A 135 -17.95 -24.56 8.75
CA PHE A 135 -19.36 -24.89 8.78
C PHE A 135 -19.58 -25.91 9.89
N LYS A 136 -20.53 -25.60 10.78
CA LYS A 136 -20.74 -26.41 12.00
C LYS A 136 -21.73 -27.59 11.89
N GLY A 137 -22.49 -27.65 10.80
CA GLY A 137 -23.33 -28.83 10.50
C GLY A 137 -22.55 -29.93 9.79
N TRP A 138 -23.25 -30.99 9.40
CA TRP A 138 -22.64 -32.16 8.77
C TRP A 138 -21.92 -31.87 7.44
N LEU A 139 -20.67 -32.33 7.36
CA LEU A 139 -19.83 -32.04 6.21
C LEU A 139 -18.78 -33.15 6.04
N ALA A 140 -18.79 -33.80 4.87
CA ALA A 140 -17.79 -34.84 4.58
C ALA A 140 -16.39 -34.30 4.81
N GLU A 141 -15.52 -35.11 5.41
CA GLU A 141 -14.16 -34.63 5.77
C GLU A 141 -13.34 -34.22 4.54
N GLU A 142 -13.65 -34.82 3.40
CA GLU A 142 -12.99 -34.48 2.14
C GLU A 142 -13.32 -33.03 1.69
N GLU A 143 -14.49 -32.54 2.11
CA GLU A 143 -14.97 -31.22 1.71
C GLU A 143 -14.58 -30.06 2.63
N ILE A 144 -13.77 -30.33 3.66
CA ILE A 144 -13.12 -29.28 4.46
C ILE A 144 -12.23 -28.43 3.54
N ASP A 145 -11.82 -29.02 2.41
CA ASP A 145 -11.15 -28.27 1.35
C ASP A 145 -12.17 -27.59 0.44
N PRO A 146 -12.13 -26.23 0.36
CA PRO A 146 -13.18 -25.47 -0.33
C PRO A 146 -13.39 -25.93 -1.78
N VAL A 147 -12.32 -26.30 -2.47
CA VAL A 147 -12.42 -26.74 -3.86
C VAL A 147 -13.24 -28.04 -4.00
N SER A 148 -13.05 -28.98 -3.06
CA SER A 148 -13.78 -30.26 -3.03
C SER A 148 -15.26 -30.10 -2.74
N LEU A 149 -15.60 -29.13 -1.88
CA LEU A 149 -17.00 -28.78 -1.64
C LEU A 149 -17.64 -28.14 -2.88
N LEU A 150 -17.04 -27.06 -3.37
CA LEU A 150 -17.53 -26.39 -4.57
C LEU A 150 -17.62 -27.30 -5.80
N LYS A 151 -16.70 -28.26 -5.92
CA LYS A 151 -16.81 -29.26 -7.00
C LYS A 151 -18.14 -30.01 -6.93
N ARG A 152 -18.48 -30.51 -5.74
CA ARG A 152 -19.76 -31.20 -5.55
C ARG A 152 -20.96 -30.30 -5.84
N LEU A 153 -20.97 -29.12 -5.25
CA LEU A 153 -22.08 -28.19 -5.40
C LEU A 153 -22.32 -27.74 -6.84
N LYS A 154 -21.28 -27.72 -7.66
CA LYS A 154 -21.42 -27.39 -9.08
C LYS A 154 -22.30 -28.38 -9.82
N GLU A 155 -22.28 -29.62 -9.35
CA GLU A 155 -23.13 -30.68 -9.88
C GLU A 155 -24.61 -30.40 -9.58
N TYR A 156 -24.86 -29.50 -8.63
CA TYR A 156 -26.22 -29.03 -8.32
C TYR A 156 -26.53 -27.70 -8.96
N GLY A 157 -25.62 -27.23 -9.79
CA GLY A 157 -25.80 -26.00 -10.55
C GLY A 157 -25.23 -24.75 -9.92
N LEU A 158 -24.40 -24.89 -8.89
CA LEU A 158 -23.73 -23.72 -8.31
C LEU A 158 -22.95 -22.99 -9.39
N GLU A 159 -23.12 -21.67 -9.44
CA GLU A 159 -22.40 -20.87 -10.42
C GLU A 159 -21.56 -19.75 -9.85
N GLU A 160 -21.95 -19.26 -8.67
CA GLU A 160 -21.33 -18.07 -8.14
C GLU A 160 -21.30 -18.19 -6.63
N ILE A 161 -20.22 -17.68 -6.02
CA ILE A 161 -20.03 -17.73 -4.58
C ILE A 161 -19.57 -16.38 -4.06
N VAL A 162 -19.78 -16.13 -2.76
CA VAL A 162 -18.99 -15.15 -2.01
C VAL A 162 -17.96 -16.00 -1.26
N HIS A 163 -16.68 -15.64 -1.33
CA HIS A 163 -15.69 -16.30 -0.48
C HIS A 163 -15.24 -15.35 0.58
N THR A 164 -15.61 -15.65 1.84
CA THR A 164 -15.29 -14.79 2.95
C THR A 164 -14.26 -15.39 3.87
N GLU A 165 -13.15 -14.68 4.02
CA GLU A 165 -12.13 -15.05 4.97
C GLU A 165 -12.53 -14.49 6.32
N ILE A 166 -13.19 -15.34 7.10
CA ILE A 166 -13.93 -14.90 8.28
C ILE A 166 -13.07 -14.20 9.34
N GLU A 167 -11.83 -14.65 9.50
CA GLU A 167 -10.93 -14.07 10.50
CA GLU A 167 -10.91 -14.07 10.48
C GLU A 167 -10.45 -12.67 10.10
N LYS A 168 -10.79 -12.22 8.90
CA LYS A 168 -10.35 -10.92 8.43
C LYS A 168 -11.46 -9.86 8.36
N VAL A 169 -12.70 -10.34 8.41
CA VAL A 169 -13.88 -9.46 8.50
C VAL A 169 -13.74 -8.51 9.70
N GLY A 170 -13.94 -7.21 9.46
CA GLY A 170 -13.90 -6.22 10.52
C GLY A 170 -12.50 -5.73 10.87
N THR A 171 -11.49 -6.40 10.32
CA THR A 171 -10.12 -6.00 10.55
C THR A 171 -9.66 -5.14 9.38
N LEU A 172 -8.40 -4.71 9.43
CA LEU A 172 -7.77 -4.04 8.31
C LEU A 172 -6.62 -4.90 7.80
N GLN A 173 -6.69 -6.20 8.07
CA GLN A 173 -5.78 -7.18 7.49
C GLN A 173 -6.09 -7.31 6.02
N GLU A 174 -5.21 -7.99 5.29
CA GLU A 174 -5.33 -8.05 3.85
C GLU A 174 -5.85 -9.39 3.41
N HIS A 175 -6.91 -9.39 2.61
CA HIS A 175 -7.49 -10.61 2.10
C HIS A 175 -6.39 -11.42 1.34
N ASP A 176 -6.36 -12.73 1.55
CA ASP A 176 -5.41 -13.61 0.88
C ASP A 176 -5.95 -13.95 -0.50
N PHE A 177 -5.42 -13.28 -1.51
CA PHE A 177 -5.97 -13.46 -2.83
C PHE A 177 -5.44 -14.72 -3.50
N SER A 178 -4.30 -15.23 -3.01
CA SER A 178 -3.75 -16.50 -3.55
C SER A 178 -4.74 -17.63 -3.33
N LEU A 179 -5.33 -17.63 -2.12
CA LEU A 179 -6.39 -18.55 -1.75
C LEU A 179 -7.64 -18.36 -2.59
N THR A 180 -8.08 -17.12 -2.77
CA THR A 180 -9.26 -16.84 -3.59
C THR A 180 -9.09 -17.22 -5.08
N LYS A 181 -7.92 -16.90 -5.64
CA LYS A 181 -7.59 -17.19 -7.02
C LYS A 181 -7.60 -18.69 -7.33
N LYS A 182 -7.11 -19.46 -6.37
CA LYS A 182 -7.06 -20.93 -6.46
C LYS A 182 -8.47 -21.48 -6.42
N ILE A 183 -9.30 -20.97 -5.50
CA ILE A 183 -10.68 -21.42 -5.46
C ILE A 183 -11.37 -21.12 -6.79
N ALA A 184 -11.26 -19.87 -7.24
CA ALA A 184 -11.91 -19.41 -8.48
C ALA A 184 -11.44 -20.25 -9.69
N ILE A 185 -10.14 -20.45 -9.81
CA ILE A 185 -9.57 -21.20 -10.96
C ILE A 185 -9.87 -22.70 -10.88
N GLU A 186 -9.61 -23.31 -9.73
CA GLU A 186 -9.75 -24.77 -9.62
C GLU A 186 -11.20 -25.25 -9.57
N ALA A 187 -12.03 -24.57 -8.78
CA ALA A 187 -13.44 -24.92 -8.68
C ALA A 187 -14.22 -24.46 -9.90
N GLU A 188 -13.62 -23.51 -10.65
CA GLU A 188 -14.24 -22.92 -11.83
C GLU A 188 -15.60 -22.29 -11.50
N VAL A 189 -15.61 -21.43 -10.46
CA VAL A 189 -16.81 -20.68 -10.08
C VAL A 189 -16.53 -19.19 -10.15
N LYS A 190 -17.58 -18.39 -10.31
CA LYS A 190 -17.46 -16.94 -10.19
C LYS A 190 -17.42 -16.62 -8.70
N VAL A 191 -16.56 -15.68 -8.32
CA VAL A 191 -16.25 -15.44 -6.92
C VAL A 191 -16.25 -13.93 -6.65
N LEU A 192 -16.96 -13.55 -5.58
CA LEU A 192 -16.76 -12.27 -4.93
C LEU A 192 -16.00 -12.52 -3.63
N ALA A 193 -14.85 -11.85 -3.50
CA ALA A 193 -13.99 -11.94 -2.30
C ALA A 193 -14.48 -11.02 -1.20
N ALA A 194 -14.54 -11.52 0.05
CA ALA A 194 -14.88 -10.72 1.20
C ALA A 194 -13.93 -11.00 2.36
N GLY A 195 -13.81 -10.05 3.28
CA GLY A 195 -12.99 -10.21 4.47
C GLY A 195 -11.63 -9.66 4.17
N GLY A 196 -11.27 -8.56 4.83
CA GLY A 196 -9.96 -7.96 4.64
C GLY A 196 -9.78 -7.28 3.29
N ILE A 197 -10.87 -6.76 2.72
CA ILE A 197 -10.82 -5.84 1.61
C ILE A 197 -10.80 -4.45 2.24
N SER A 198 -9.60 -4.00 2.60
CA SER A 198 -9.50 -2.94 3.59
C SER A 198 -8.56 -1.81 3.20
N SER A 199 -7.93 -1.91 2.04
CA SER A 199 -7.08 -0.83 1.57
C SER A 199 -7.14 -0.74 0.05
N GLU A 200 -6.51 0.29 -0.47
CA GLU A 200 -6.33 0.47 -1.90
C GLU A 200 -5.46 -0.63 -2.51
N ASN A 201 -4.53 -1.17 -1.71
CA ASN A 201 -3.72 -2.32 -2.11
C ASN A 201 -4.53 -3.61 -2.34
N SER A 202 -5.54 -3.85 -1.50
CA SER A 202 -6.49 -4.95 -1.70
C SER A 202 -7.17 -4.87 -3.05
N LEU A 203 -7.52 -3.65 -3.46
CA LEU A 203 -8.27 -3.42 -4.68
C LEU A 203 -7.37 -3.57 -5.86
N LYS A 204 -6.09 -3.23 -5.67
CA LYS A 204 -5.07 -3.41 -6.69
C LYS A 204 -4.80 -4.90 -6.94
N THR A 205 -4.67 -5.68 -5.87
CA THR A 205 -4.48 -7.12 -5.96
C THR A 205 -5.68 -7.81 -6.56
N ALA A 206 -6.87 -7.37 -6.15
CA ALA A 206 -8.11 -7.88 -6.69
C ALA A 206 -8.17 -7.67 -8.21
N GLN A 207 -7.91 -6.44 -8.68
CA GLN A 207 -7.97 -6.11 -10.11
CA GLN A 207 -8.03 -6.17 -10.11
C GLN A 207 -7.01 -6.96 -10.92
N LYS A 208 -5.86 -7.23 -10.31
CA LYS A 208 -4.78 -8.07 -10.90
C LYS A 208 -5.24 -9.52 -10.99
N VAL A 209 -5.92 -10.00 -9.95
CA VAL A 209 -6.47 -11.36 -9.87
C VAL A 209 -7.69 -11.50 -10.81
N HIS A 210 -8.53 -10.46 -10.85
CA HIS A 210 -9.66 -10.39 -11.80
C HIS A 210 -9.17 -10.63 -13.25
N THR A 211 -8.02 -10.03 -13.55
CA THR A 211 -7.34 -10.19 -14.84
C THR A 211 -6.75 -11.59 -15.07
N GLU A 212 -6.10 -12.15 -14.05
CA GLU A 212 -5.44 -13.46 -14.19
C GLU A 212 -6.44 -14.62 -14.29
N THR A 213 -7.64 -14.41 -13.77
CA THR A 213 -8.66 -15.45 -13.73
C THR A 213 -9.67 -15.31 -14.85
N ASN A 214 -9.46 -14.31 -15.71
CA ASN A 214 -10.35 -14.03 -16.84
C ASN A 214 -11.76 -13.65 -16.36
N GLY A 215 -11.84 -12.88 -15.28
CA GLY A 215 -13.13 -12.46 -14.75
C GLY A 215 -13.81 -13.45 -13.81
N LEU A 216 -13.18 -14.58 -13.52
CA LEU A 216 -13.72 -15.55 -12.55
C LEU A 216 -13.80 -14.97 -11.13
N LEU A 217 -12.74 -14.29 -10.70
CA LEU A 217 -12.85 -13.36 -9.58
C LEU A 217 -13.58 -12.17 -10.19
N LYS A 218 -14.88 -12.09 -9.89
CA LYS A 218 -15.78 -11.04 -10.37
C LYS A 218 -15.49 -9.70 -9.73
N GLY A 219 -15.12 -9.74 -8.45
CA GLY A 219 -14.81 -8.54 -7.71
C GLY A 219 -14.77 -8.74 -6.20
N VAL A 220 -14.89 -7.64 -5.48
CA VAL A 220 -14.74 -7.67 -4.02
C VAL A 220 -15.95 -7.09 -3.31
N ILE A 221 -16.11 -7.50 -2.05
CA ILE A 221 -17.08 -6.91 -1.17
C ILE A 221 -16.36 -6.11 -0.09
N VAL A 222 -16.74 -4.84 0.08
CA VAL A 222 -16.09 -3.92 1.02
C VAL A 222 -17.02 -3.64 2.16
N GLY A 223 -16.66 -4.03 3.39
CA GLY A 223 -17.53 -3.74 4.54
C GLY A 223 -16.97 -2.65 5.45
N ARG A 224 -16.22 -3.07 6.48
CA ARG A 224 -15.54 -2.16 7.39
C ARG A 224 -14.99 -0.87 6.77
N ALA A 225 -14.17 -1.02 5.75
CA ALA A 225 -13.46 0.15 5.22
C ALA A 225 -14.39 1.08 4.48
N PHE A 226 -15.50 0.55 3.97
CA PHE A 226 -16.50 1.36 3.31
C PHE A 226 -17.32 2.11 4.36
N LEU A 227 -17.82 1.38 5.34
CA LEU A 227 -18.63 2.00 6.37
C LEU A 227 -17.82 3.01 7.16
N GLU A 228 -16.55 2.71 7.42
CA GLU A 228 -15.67 3.62 8.15
C GLU A 228 -15.11 4.78 7.32
N GLY A 229 -15.27 4.72 5.99
CA GLY A 229 -14.76 5.78 5.12
C GLY A 229 -13.26 5.67 4.86
N ILE A 230 -12.69 4.52 5.18
CA ILE A 230 -11.30 4.23 4.89
C ILE A 230 -11.08 4.08 3.36
N LEU A 231 -11.96 3.32 2.70
CA LEU A 231 -12.01 3.30 1.22
C LEU A 231 -13.21 4.11 0.79
N THR A 232 -12.95 5.30 0.25
CA THR A 232 -14.03 6.24 -0.10
C THR A 232 -14.87 5.71 -1.28
N VAL A 233 -16.07 6.25 -1.47
CA VAL A 233 -16.83 5.94 -2.68
C VAL A 233 -16.00 6.23 -3.95
N GLU A 234 -15.27 7.35 -3.94
CA GLU A 234 -14.45 7.79 -5.05
C GLU A 234 -13.40 6.75 -5.42
N VAL A 235 -12.70 6.24 -4.41
CA VAL A 235 -11.66 5.23 -4.61
C VAL A 235 -12.24 3.91 -5.13
N MET A 236 -13.34 3.47 -4.54
CA MET A 236 -14.03 2.25 -4.95
C MET A 236 -14.49 2.33 -6.41
N LYS A 237 -15.04 3.49 -6.78
CA LYS A 237 -15.55 3.75 -8.12
C LYS A 237 -14.44 3.63 -9.15
N ARG A 238 -13.29 4.21 -8.82
CA ARG A 238 -12.14 4.24 -9.71
C ARG A 238 -11.62 2.83 -10.01
N TYR A 239 -11.74 1.93 -9.03
CA TYR A 239 -11.26 0.56 -9.19
C TYR A 239 -12.26 -0.40 -9.85
N ALA A 240 -13.51 0.05 -9.98
CA ALA A 240 -14.52 -0.70 -10.71
C ALA A 240 -14.50 -0.40 -12.22
N ARG A 241 -13.39 0.15 -12.72
CA ARG A 241 -13.26 0.56 -14.12
C ARG A 241 -12.53 -0.46 -14.98
N MET B 1 29.87 16.96 -14.30
CA MET B 1 29.50 16.21 -13.07
C MET B 1 28.45 16.98 -12.29
N LEU B 2 27.68 16.28 -11.46
CA LEU B 2 26.70 16.92 -10.60
C LEU B 2 27.36 17.45 -9.30
N VAL B 3 26.96 18.66 -8.91
CA VAL B 3 27.39 19.19 -7.63
C VAL B 3 26.10 19.54 -6.94
N VAL B 4 25.76 18.73 -5.94
CA VAL B 4 24.42 18.69 -5.35
C VAL B 4 24.47 19.32 -3.95
N PRO B 5 23.85 20.51 -3.77
CA PRO B 5 23.78 21.06 -2.42
C PRO B 5 22.87 20.20 -1.56
N ALA B 6 23.22 20.04 -0.27
CA ALA B 6 22.45 19.23 0.64
C ALA B 6 21.84 20.10 1.72
N ILE B 7 20.59 19.78 2.01
CA ILE B 7 19.83 20.50 3.05
C ILE B 7 19.26 19.45 3.97
N ASP B 8 19.63 19.51 5.25
CA ASP B 8 18.97 18.68 6.26
C ASP B 8 17.85 19.52 6.91
N LEU B 9 16.68 18.93 7.14
CA LEU B 9 15.55 19.62 7.77
C LEU B 9 15.18 18.92 9.05
N PHE B 10 14.94 19.69 10.10
CA PHE B 10 14.54 19.13 11.36
C PHE B 10 13.57 20.10 12.01
N ARG B 11 12.37 19.63 12.32
CA ARG B 11 11.40 20.51 12.98
C ARG B 11 11.10 21.78 12.18
N GLY B 12 10.97 21.62 10.87
CA GLY B 12 10.70 22.73 9.95
C GLY B 12 11.87 23.57 9.46
N LYS B 13 13.05 23.38 10.03
CA LYS B 13 14.11 24.35 9.82
C LYS B 13 15.32 23.67 9.21
N VAL B 14 16.11 24.45 8.46
CA VAL B 14 17.43 23.97 7.96
C VAL B 14 18.28 23.67 9.22
N ALA B 15 18.92 22.50 9.26
CA ALA B 15 19.62 22.12 10.49
C ALA B 15 20.90 21.34 10.23
N ARG B 16 21.76 21.23 11.24
CA ARG B 16 22.85 20.27 11.18
C ARG B 16 22.91 19.59 12.53
N MET B 17 22.88 18.25 12.51
CA MET B 17 22.99 17.45 13.73
C MET B 17 24.39 16.94 13.86
N ILE B 18 25.05 17.28 14.97
CA ILE B 18 26.38 16.75 15.24
C ILE B 18 26.31 15.25 15.53
N LYS B 19 26.96 14.48 14.65
CA LYS B 19 27.03 13.00 14.73
C LYS B 19 25.66 12.34 14.91
N GLY B 20 24.64 12.95 14.32
CA GLY B 20 23.29 12.41 14.27
C GLY B 20 22.52 12.47 15.56
N ARG B 21 23.01 13.24 16.53
CA ARG B 21 22.38 13.35 17.83
C ARG B 21 21.44 14.54 17.89
N LYS B 22 20.16 14.26 18.11
CA LYS B 22 19.13 15.29 18.11
C LYS B 22 19.36 16.36 19.16
N GLU B 23 19.91 15.97 20.31
CA GLU B 23 20.29 16.93 21.36
C GLU B 23 21.34 17.92 20.89
N ASN B 24 22.03 17.59 19.81
CA ASN B 24 23.13 18.42 19.31
C ASN B 24 22.82 19.01 17.93
N THR B 25 21.69 19.69 17.82
CA THR B 25 21.28 20.26 16.54
C THR B 25 21.49 21.76 16.48
N ILE B 26 22.17 22.18 15.41
CA ILE B 26 22.34 23.59 15.09
C ILE B 26 21.21 23.94 14.12
N PHE B 27 20.40 24.92 14.49
CA PHE B 27 19.28 25.34 13.67
C PHE B 27 19.62 26.63 12.94
N TYR B 28 19.13 26.74 11.71
CA TYR B 28 19.28 27.95 10.90
C TYR B 28 17.93 28.54 10.58
N GLU B 29 17.84 29.87 10.63
CA GLU B 29 16.58 30.55 10.35
C GLU B 29 16.26 30.75 8.87
N LYS B 30 17.25 30.55 8.00
CA LYS B 30 17.07 30.75 6.57
C LYS B 30 15.89 29.90 6.10
N ASP B 31 15.04 30.49 5.29
CA ASP B 31 13.83 29.82 4.87
C ASP B 31 14.19 28.74 3.83
N PRO B 32 13.82 27.46 4.10
CA PRO B 32 14.27 26.38 3.23
C PRO B 32 13.68 26.49 1.83
N VAL B 33 12.49 27.06 1.72
CA VAL B 33 11.80 27.11 0.41
C VAL B 33 12.47 28.14 -0.49
N GLU B 34 12.77 29.31 0.06
CA GLU B 34 13.47 30.35 -0.67
C GLU B 34 14.91 29.93 -0.98
N LEU B 35 15.52 29.15 -0.08
CA LEU B 35 16.83 28.54 -0.33
C LEU B 35 16.82 27.63 -1.59
N VAL B 36 15.88 26.70 -1.65
CA VAL B 36 15.73 25.79 -2.81
C VAL B 36 15.40 26.58 -4.09
N GLU B 37 14.50 27.55 -3.95
CA GLU B 37 14.11 28.40 -5.05
C GLU B 37 15.35 29.14 -5.60
N LYS B 38 16.15 29.71 -4.70
CA LYS B 38 17.37 30.44 -5.05
C LYS B 38 18.41 29.56 -5.78
N LEU B 39 18.61 28.34 -5.27
CA LEU B 39 19.46 27.35 -5.94
C LEU B 39 18.96 26.94 -7.34
N ILE B 40 17.67 26.72 -7.49
CA ILE B 40 17.12 26.41 -8.82
C ILE B 40 17.28 27.60 -9.77
N GLU B 41 17.05 28.82 -9.26
CA GLU B 41 17.32 30.07 -10.01
C GLU B 41 18.77 30.15 -10.48
N GLU B 42 19.67 29.57 -9.70
CA GLU B 42 21.09 29.56 -10.02
C GLU B 42 21.44 28.46 -11.02
N GLY B 43 20.48 27.60 -11.32
CA GLY B 43 20.69 26.57 -12.31
C GLY B 43 21.05 25.19 -11.80
N PHE B 44 21.01 25.02 -10.47
CA PHE B 44 21.15 23.69 -9.87
C PHE B 44 19.91 22.86 -10.24
N THR B 45 20.13 21.64 -10.70
CA THR B 45 19.04 20.78 -11.16
C THR B 45 18.89 19.53 -10.31
N LEU B 46 19.74 19.40 -9.28
CA LEU B 46 19.61 18.33 -8.28
C LEU B 46 20.03 18.83 -6.89
N ILE B 47 19.12 18.73 -5.92
CA ILE B 47 19.36 19.21 -4.56
C ILE B 47 18.98 18.07 -3.62
N HIS B 48 19.85 17.77 -2.65
CA HIS B 48 19.67 16.66 -1.71
C HIS B 48 18.97 17.19 -0.44
N VAL B 49 17.78 16.68 -0.14
CA VAL B 49 17.00 17.15 1.00
C VAL B 49 16.69 15.99 1.92
N VAL B 50 17.06 16.08 3.19
CA VAL B 50 16.80 14.99 4.14
C VAL B 50 15.84 15.46 5.26
N ASP B 51 14.79 14.67 5.43
CA ASP B 51 13.84 14.88 6.53
C ASP B 51 14.40 14.13 7.72
N LEU B 52 15.14 14.86 8.56
CA LEU B 52 15.63 14.36 9.85
C LEU B 52 14.53 14.13 10.90
N SER B 53 13.47 14.94 10.87
CA SER B 53 12.32 14.66 11.70
C SER B 53 11.78 13.25 11.47
N ASN B 54 11.41 12.93 10.23
CA ASN B 54 10.99 11.56 9.96
C ASN B 54 12.04 10.50 10.22
N ALA B 55 13.28 10.71 9.76
CA ALA B 55 14.37 9.78 9.97
C ALA B 55 14.69 9.50 11.44
N ILE B 56 14.85 10.54 12.26
CA ILE B 56 15.28 10.33 13.66
C ILE B 56 14.11 9.97 14.58
N GLU B 57 12.99 10.68 14.44
CA GLU B 57 11.87 10.59 15.40
C GLU B 57 10.58 10.02 14.85
N ASN B 58 10.61 9.50 13.62
CA ASN B 58 9.37 9.08 12.94
C ASN B 58 8.30 10.17 13.00
N SER B 59 8.75 11.43 12.92
CA SER B 59 7.86 12.56 13.01
C SER B 59 7.47 13.16 11.67
N GLY B 60 6.21 13.54 11.58
CA GLY B 60 5.67 14.26 10.43
C GLY B 60 5.83 15.77 10.47
N GLU B 61 6.70 16.29 11.35
CA GLU B 61 6.87 17.73 11.47
C GLU B 61 7.38 18.48 10.25
N ASN B 62 8.14 17.81 9.40
CA ASN B 62 8.56 18.47 8.18
C ASN B 62 7.57 18.43 7.00
N LEU B 63 6.39 17.81 7.18
CA LEU B 63 5.47 17.66 6.06
C LEU B 63 5.04 19.02 5.46
N PRO B 64 4.76 20.05 6.31
CA PRO B 64 4.37 21.33 5.70
C PRO B 64 5.48 21.93 4.82
N VAL B 65 6.73 21.79 5.24
CA VAL B 65 7.86 22.28 4.47
C VAL B 65 8.02 21.44 3.19
N LEU B 66 7.88 20.12 3.32
CA LEU B 66 7.96 19.22 2.15
C LEU B 66 6.82 19.42 1.14
N GLU B 67 5.64 19.75 1.63
CA GLU B 67 4.55 20.13 0.73
C GLU B 67 4.92 21.38 -0.10
N LYS B 68 5.51 22.39 0.55
CA LYS B 68 5.93 23.62 -0.12
C LYS B 68 7.09 23.39 -1.07
N LEU B 69 7.96 22.46 -0.70
CA LEU B 69 9.13 22.16 -1.52
C LEU B 69 8.78 21.31 -2.75
N SER B 70 7.66 20.60 -2.71
CA SER B 70 7.20 19.72 -3.79
C SER B 70 7.03 20.39 -5.16
N GLU B 71 6.81 21.71 -5.16
CA GLU B 71 6.79 22.51 -6.39
C GLU B 71 8.10 22.30 -7.17
N PHE B 72 9.16 22.04 -6.42
CA PHE B 72 10.51 21.87 -6.97
C PHE B 72 10.97 20.43 -6.95
N ALA B 73 10.03 19.49 -6.80
CA ALA B 73 10.33 18.06 -6.65
C ALA B 73 11.15 17.49 -7.81
N GLU B 74 10.93 18.02 -9.01
CA GLU B 74 11.72 17.61 -10.17
C GLU B 74 13.21 17.77 -9.93
N TYR B 75 13.58 18.75 -9.09
CA TYR B 75 14.98 19.08 -8.82
C TYR B 75 15.49 18.58 -7.46
N ILE B 76 14.68 17.78 -6.77
CA ILE B 76 15.02 17.29 -5.43
C ILE B 76 15.21 15.76 -5.41
N GLN B 77 16.20 15.28 -4.67
CA GLN B 77 16.16 13.91 -4.20
C GLN B 77 15.91 13.95 -2.69
N ILE B 78 14.84 13.29 -2.28
CA ILE B 78 14.38 13.32 -0.89
C ILE B 78 14.74 12.02 -0.15
N GLY B 79 15.33 12.18 1.04
CA GLY B 79 15.58 11.05 1.91
C GLY B 79 15.10 11.33 3.32
N GLY B 80 15.24 10.32 4.16
CA GLY B 80 14.95 10.44 5.58
C GLY B 80 13.80 9.56 6.03
N GLY B 81 14.14 8.36 6.48
CA GLY B 81 13.16 7.44 7.06
C GLY B 81 12.09 6.96 6.07
N ILE B 82 12.47 6.83 4.81
CA ILE B 82 11.56 6.30 3.83
C ILE B 82 11.66 4.78 3.98
N ARG B 83 10.86 4.28 4.91
CA ARG B 83 11.04 2.93 5.44
C ARG B 83 9.94 1.98 5.00
N SER B 84 9.03 2.47 4.16
CA SER B 84 7.96 1.62 3.63
C SER B 84 7.48 2.13 2.29
N LEU B 85 6.91 1.24 1.49
CA LEU B 85 6.31 1.61 0.22
C LEU B 85 5.21 2.63 0.40
N ASP B 86 4.49 2.56 1.52
CA ASP B 86 3.42 3.51 1.78
CA ASP B 86 3.42 3.50 1.74
C ASP B 86 3.97 4.91 1.97
N TYR B 87 5.09 5.00 2.69
CA TYR B 87 5.77 6.27 2.96
C TYR B 87 6.27 6.85 1.63
N ALA B 88 6.87 5.99 0.82
CA ALA B 88 7.41 6.40 -0.48
C ALA B 88 6.27 6.89 -1.38
N GLU B 89 5.18 6.14 -1.41
CA GLU B 89 4.04 6.52 -2.23
C GLU B 89 3.42 7.85 -1.79
N LYS B 90 3.44 8.11 -0.49
CA LYS B 90 3.00 9.40 0.07
C LYS B 90 3.81 10.55 -0.50
N LEU B 91 5.13 10.43 -0.45
CA LEU B 91 6.01 11.46 -0.98
C LEU B 91 5.82 11.62 -2.48
N ARG B 92 5.66 10.49 -3.17
CA ARG B 92 5.47 10.47 -4.62
C ARG B 92 4.20 11.25 -5.02
N LYS B 93 3.12 11.04 -4.27
CA LYS B 93 1.86 11.78 -4.45
C LYS B 93 2.03 13.30 -4.47
N LEU B 94 3.11 13.79 -3.86
CA LEU B 94 3.44 15.22 -3.83
C LEU B 94 4.30 15.62 -5.03
N GLY B 95 4.91 14.65 -5.70
CA GLY B 95 5.71 14.93 -6.90
C GLY B 95 7.12 14.40 -6.84
N TYR B 96 7.49 13.83 -5.68
CA TYR B 96 8.87 13.36 -5.43
C TYR B 96 9.14 12.01 -6.05
N ARG B 97 9.84 12.03 -7.19
CA ARG B 97 10.06 10.82 -8.00
C ARG B 97 11.43 10.22 -7.74
N ARG B 98 12.33 10.98 -7.14
CA ARG B 98 13.66 10.51 -6.86
C ARG B 98 13.75 10.43 -5.32
N GLN B 99 13.96 9.23 -4.80
CA GLN B 99 13.96 9.01 -3.36
C GLN B 99 15.12 8.19 -2.86
N ILE B 100 15.69 8.65 -1.76
CA ILE B 100 16.80 7.95 -1.12
C ILE B 100 16.24 6.96 -0.11
N VAL B 101 16.64 5.70 -0.24
CA VAL B 101 16.17 4.64 0.62
C VAL B 101 17.38 3.84 1.06
N SER B 102 17.30 3.19 2.22
CA SER B 102 18.45 2.41 2.67
C SER B 102 18.03 1.12 3.36
N SER B 103 17.67 1.21 4.64
CA SER B 103 17.36 0.02 5.42
C SER B 103 16.14 -0.78 4.94
N LYS B 104 15.16 -0.11 4.31
CA LYS B 104 14.02 -0.84 3.73
C LYS B 104 14.46 -1.76 2.59
N VAL B 105 15.46 -1.32 1.82
CA VAL B 105 16.02 -2.12 0.72
C VAL B 105 16.84 -3.29 1.27
N LEU B 106 17.60 -3.02 2.33
CA LEU B 106 18.32 -4.07 3.01
C LEU B 106 17.37 -5.13 3.61
N GLU B 107 16.30 -4.70 4.27
CA GLU B 107 15.31 -5.62 4.82
C GLU B 107 14.53 -6.37 3.75
N ASP B 108 14.15 -5.65 2.68
CA ASP B 108 13.34 -6.22 1.61
C ASP B 108 13.81 -5.66 0.27
N PRO B 109 14.84 -6.30 -0.34
CA PRO B 109 15.45 -5.93 -1.63
C PRO B 109 14.49 -5.86 -2.81
N SER B 110 13.36 -6.55 -2.71
CA SER B 110 12.29 -6.48 -3.72
C SER B 110 11.64 -5.10 -3.78
N SER B 111 11.84 -4.30 -2.73
CA SER B 111 11.23 -2.97 -2.66
C SER B 111 11.77 -2.01 -3.72
N LEU B 112 12.95 -2.28 -4.27
CA LEU B 112 13.50 -1.49 -5.38
C LEU B 112 12.61 -1.59 -6.63
N LYS B 113 12.15 -2.79 -6.92
CA LYS B 113 11.22 -3.03 -8.03
C LYS B 113 9.87 -2.40 -7.74
N SER B 114 9.39 -2.60 -6.52
CA SER B 114 8.11 -2.04 -6.07
C SER B 114 8.12 -0.52 -6.16
N LEU B 115 9.24 0.09 -5.77
CA LEU B 115 9.40 1.54 -5.88
C LEU B 115 9.29 2.00 -7.33
N ARG B 116 10.02 1.36 -8.24
CA ARG B 116 9.93 1.71 -9.66
CA ARG B 116 9.93 1.66 -9.69
C ARG B 116 8.49 1.59 -10.21
N GLU B 117 7.76 0.59 -9.75
CA GLU B 117 6.41 0.35 -10.22
C GLU B 117 5.46 1.49 -9.89
N ILE B 118 5.79 2.27 -8.85
CA ILE B 118 5.01 3.45 -8.52
C ILE B 118 5.71 4.72 -9.00
N ASP B 119 6.60 4.56 -9.99
CA ASP B 119 7.32 5.68 -10.61
C ASP B 119 8.19 6.44 -9.61
N VAL B 120 8.91 5.69 -8.78
CA VAL B 120 9.92 6.27 -7.89
C VAL B 120 11.24 5.72 -8.37
N GLU B 121 12.20 6.61 -8.58
CA GLU B 121 13.55 6.24 -8.90
C GLU B 121 14.25 6.07 -7.55
N PRO B 122 14.55 4.82 -7.15
CA PRO B 122 15.17 4.62 -5.86
C PRO B 122 16.66 4.78 -5.94
N VAL B 123 17.19 5.56 -5.02
CA VAL B 123 18.61 5.76 -4.86
C VAL B 123 19.01 5.16 -3.51
N PHE B 124 19.84 4.11 -3.56
CA PHE B 124 20.27 3.43 -2.35
C PHE B 124 21.36 4.18 -1.62
N SER B 125 21.16 4.38 -0.33
CA SER B 125 22.13 5.08 0.45
C SER B 125 23.00 4.06 1.16
N LEU B 126 24.25 3.95 0.66
CA LEU B 126 25.24 3.09 1.24
C LEU B 126 26.20 3.91 2.07
N VAL B 127 26.25 3.58 3.35
CA VAL B 127 27.08 4.28 4.31
C VAL B 127 28.25 3.37 4.71
N THR B 128 29.45 3.94 4.74
CA THR B 128 30.61 3.21 5.21
C THR B 128 31.31 3.96 6.32
N ARG B 129 31.87 3.21 7.25
CA ARG B 129 32.67 3.77 8.33
C ARG B 129 34.00 3.02 8.29
N GLY B 130 35.09 3.76 8.06
CA GLY B 130 36.40 3.17 7.81
C GLY B 130 36.37 2.20 6.64
N GLY B 131 35.56 2.52 5.62
CA GLY B 131 35.40 1.67 4.43
C GLY B 131 34.46 0.45 4.57
N ARG B 132 33.86 0.33 5.77
CA ARG B 132 33.04 -0.83 6.14
C ARG B 132 31.59 -0.46 6.14
N VAL B 133 30.76 -1.27 5.48
CA VAL B 133 29.33 -1.04 5.44
C VAL B 133 28.78 -0.91 6.86
N ALA B 134 28.03 0.15 7.10
CA ALA B 134 27.37 0.38 8.38
C ALA B 134 25.88 0.66 8.18
N PHE B 135 25.03 0.08 9.02
CA PHE B 135 23.59 0.30 9.00
C PHE B 135 23.08 0.62 10.41
N LYS B 136 22.66 1.87 10.62
CA LYS B 136 22.15 2.32 11.93
C LYS B 136 21.01 1.43 12.43
N GLY B 137 21.19 0.84 13.61
CA GLY B 137 20.23 -0.11 14.16
C GLY B 137 20.32 -1.55 13.65
N TRP B 138 21.35 -1.86 12.86
CA TRP B 138 21.58 -3.22 12.35
C TRP B 138 22.99 -3.72 12.67
N LEU B 139 23.18 -5.04 12.61
CA LEU B 139 24.48 -5.67 12.83
C LEU B 139 24.73 -6.82 11.86
N ALA B 140 26.00 -7.08 11.53
CA ALA B 140 26.40 -8.21 10.68
C ALA B 140 27.83 -8.68 10.99
N GLU B 141 28.20 -9.84 10.47
CA GLU B 141 29.56 -10.39 10.59
C GLU B 141 30.06 -10.91 9.24
N ILE B 144 29.26 -6.08 5.53
CA ILE B 144 30.08 -6.82 4.57
C ILE B 144 31.01 -5.89 3.78
N ASP B 145 31.58 -6.39 2.69
CA ASP B 145 32.34 -5.56 1.74
C ASP B 145 31.34 -4.80 0.84
N PRO B 146 31.48 -3.45 0.73
CA PRO B 146 30.60 -2.63 -0.10
C PRO B 146 30.29 -3.21 -1.49
N VAL B 147 31.32 -3.57 -2.25
CA VAL B 147 31.17 -4.08 -3.63
C VAL B 147 30.30 -5.36 -3.62
N SER B 148 30.56 -6.25 -2.67
CA SER B 148 29.82 -7.52 -2.55
C SER B 148 28.34 -7.33 -2.27
N LEU B 149 28.04 -6.45 -1.29
CA LEU B 149 26.65 -6.09 -0.97
C LEU B 149 25.90 -5.50 -2.16
N LEU B 150 26.52 -4.54 -2.84
CA LEU B 150 25.86 -3.89 -4.00
C LEU B 150 25.53 -4.88 -5.08
N LYS B 151 26.46 -5.79 -5.36
CA LYS B 151 26.27 -6.81 -6.40
C LYS B 151 25.08 -7.71 -6.11
N ARG B 152 24.86 -8.04 -4.84
CA ARG B 152 23.68 -8.79 -4.47
C ARG B 152 22.43 -7.95 -4.72
N LEU B 153 22.47 -6.68 -4.34
CA LEU B 153 21.30 -5.80 -4.50
C LEU B 153 21.04 -5.49 -5.97
N LYS B 154 22.11 -5.51 -6.78
CA LYS B 154 21.99 -5.26 -8.22
C LYS B 154 21.16 -6.33 -8.92
N GLU B 155 21.14 -7.54 -8.36
CA GLU B 155 20.26 -8.61 -8.84
C GLU B 155 18.77 -8.24 -8.67
N TYR B 156 18.51 -7.17 -7.92
CA TYR B 156 17.14 -6.69 -7.68
C TYR B 156 16.85 -5.35 -8.38
N GLY B 157 17.75 -4.93 -9.26
CA GLY B 157 17.55 -3.71 -10.03
C GLY B 157 18.11 -2.42 -9.44
N LEU B 158 19.02 -2.53 -8.48
CA LEU B 158 19.83 -1.39 -8.04
C LEU B 158 20.60 -0.78 -9.22
N GLU B 159 20.49 0.53 -9.41
CA GLU B 159 21.25 1.22 -10.46
C GLU B 159 22.12 2.39 -9.93
N GLU B 160 21.69 3.00 -8.84
CA GLU B 160 22.33 4.21 -8.37
C GLU B 160 22.35 4.29 -6.86
N ILE B 161 23.48 4.75 -6.33
CA ILE B 161 23.68 4.88 -4.89
C ILE B 161 24.22 6.27 -4.49
N VAL B 162 23.99 6.66 -3.22
CA VAL B 162 24.83 7.64 -2.58
C VAL B 162 25.88 6.80 -1.84
N HIS B 163 27.13 7.19 -1.91
CA HIS B 163 28.12 6.59 -1.03
C HIS B 163 28.58 7.61 -0.03
N THR B 164 28.19 7.42 1.23
CA THR B 164 28.55 8.37 2.28
C THR B 164 29.61 7.82 3.20
N GLU B 165 30.72 8.54 3.31
CA GLU B 165 31.70 8.23 4.35
C GLU B 165 31.20 8.94 5.60
N ILE B 166 30.54 8.20 6.49
CA ILE B 166 29.84 8.81 7.60
C ILE B 166 30.73 9.55 8.61
N GLU B 167 31.97 9.08 8.78
CA GLU B 167 32.92 9.72 9.70
C GLU B 167 33.32 11.13 9.28
N LYS B 168 33.16 11.46 7.99
CA LYS B 168 33.48 12.78 7.50
C LYS B 168 32.31 13.73 7.34
N VAL B 169 31.10 13.22 7.57
CA VAL B 169 29.95 14.08 7.51
C VAL B 169 30.01 15.10 8.65
N GLY B 170 29.79 16.36 8.32
CA GLY B 170 29.83 17.43 9.34
C GLY B 170 31.21 18.02 9.55
N THR B 171 32.21 17.38 8.92
CA THR B 171 33.61 17.76 9.11
C THR B 171 34.08 18.48 7.87
N LEU B 172 35.31 18.97 7.94
CA LEU B 172 35.97 19.56 6.79
C LEU B 172 37.14 18.68 6.32
N GLN B 173 37.02 17.37 6.58
CA GLN B 173 37.98 16.35 6.12
C GLN B 173 37.81 16.08 4.62
N GLU B 174 38.70 15.29 4.01
CA GLU B 174 38.58 15.02 2.58
C GLU B 174 38.00 13.64 2.32
N HIS B 175 36.95 13.59 1.49
CA HIS B 175 36.36 12.34 1.03
C HIS B 175 37.46 11.53 0.37
N ASP B 176 37.45 10.22 0.59
CA ASP B 176 38.38 9.26 0.01
C ASP B 176 37.80 8.76 -1.30
N PHE B 177 38.16 9.44 -2.39
CA PHE B 177 37.67 9.08 -3.71
C PHE B 177 38.23 7.75 -4.23
N SER B 178 39.32 7.27 -3.62
CA SER B 178 39.89 5.96 -4.00
CA SER B 178 39.89 5.96 -4.00
C SER B 178 38.93 4.83 -3.66
N LEU B 179 38.29 4.92 -2.48
CA LEU B 179 37.27 3.97 -2.05
C LEU B 179 36.02 4.11 -2.93
N THR B 180 35.62 5.35 -3.17
CA THR B 180 34.39 5.63 -3.95
C THR B 180 34.58 5.25 -5.41
N LYS B 181 35.82 5.33 -5.90
CA LYS B 181 36.15 4.93 -7.27
C LYS B 181 36.14 3.41 -7.42
N LYS B 182 36.73 2.73 -6.43
CA LYS B 182 36.65 1.27 -6.33
C LYS B 182 35.21 0.82 -6.39
N ILE B 183 34.35 1.40 -5.56
CA ILE B 183 32.95 1.00 -5.53
C ILE B 183 32.28 1.20 -6.89
N ALA B 184 32.44 2.39 -7.45
CA ALA B 184 31.87 2.74 -8.76
C ALA B 184 32.22 1.69 -9.81
N ILE B 185 33.49 1.34 -9.86
CA ILE B 185 34.04 0.49 -10.93
C ILE B 185 33.79 -1.01 -10.68
N GLU B 186 34.10 -1.47 -9.47
CA GLU B 186 33.89 -2.87 -9.14
C GLU B 186 32.42 -3.32 -9.05
N ALA B 187 31.56 -2.49 -8.48
CA ALA B 187 30.13 -2.81 -8.44
C ALA B 187 29.44 -2.50 -9.77
N GLU B 188 30.04 -1.58 -10.54
CA GLU B 188 29.45 -1.05 -11.76
C GLU B 188 28.09 -0.41 -11.44
N VAL B 189 28.10 0.60 -10.57
CA VAL B 189 26.90 1.39 -10.28
C VAL B 189 27.19 2.88 -10.44
N LYS B 190 26.13 3.66 -10.61
CA LYS B 190 26.26 5.11 -10.57
C LYS B 190 26.31 5.58 -9.10
N VAL B 191 27.23 6.49 -8.80
CA VAL B 191 27.51 6.85 -7.41
C VAL B 191 27.55 8.36 -7.26
N LEU B 192 26.90 8.87 -6.21
CA LEU B 192 27.09 10.24 -5.75
C LEU B 192 27.93 10.16 -4.48
N ALA B 193 29.08 10.83 -4.45
CA ALA B 193 29.93 10.91 -3.23
C ALA B 193 29.41 11.91 -2.15
N ALA B 194 29.33 11.47 -0.90
CA ALA B 194 28.92 12.33 0.22
C ALA B 194 29.89 12.16 1.41
N GLY B 195 29.93 13.16 2.30
CA GLY B 195 30.85 13.20 3.46
C GLY B 195 32.27 13.58 3.07
N GLY B 196 32.73 14.72 3.57
CA GLY B 196 34.08 15.20 3.27
C GLY B 196 34.20 15.83 1.91
N ILE B 197 33.09 16.37 1.38
CA ILE B 197 33.16 17.19 0.18
C ILE B 197 33.26 18.64 0.70
N SER B 198 34.49 19.05 1.02
CA SER B 198 34.74 20.21 1.89
C SER B 198 35.42 21.38 1.23
N SER B 199 36.12 21.15 0.12
CA SER B 199 36.95 22.20 -0.46
C SER B 199 36.95 22.12 -1.97
N GLU B 200 37.49 23.15 -2.63
CA GLU B 200 37.78 23.06 -4.08
C GLU B 200 38.59 21.81 -4.41
N ASN B 201 39.51 21.43 -3.53
CA ASN B 201 40.30 20.22 -3.77
C ASN B 201 39.44 18.96 -3.88
N SER B 202 38.39 18.87 -3.05
CA SER B 202 37.39 17.79 -3.10
C SER B 202 36.74 17.75 -4.48
N LEU B 203 36.32 18.92 -4.95
CA LEU B 203 35.64 19.08 -6.24
C LEU B 203 36.56 18.76 -7.42
N LYS B 204 37.81 19.19 -7.30
CA LYS B 204 38.86 18.89 -8.27
C LYS B 204 39.08 17.38 -8.40
N THR B 205 39.29 16.71 -7.27
CA THR B 205 39.48 15.25 -7.26
C THR B 205 38.27 14.50 -7.82
N ALA B 206 37.08 15.02 -7.53
CA ALA B 206 35.83 14.43 -7.97
C ALA B 206 35.70 14.51 -9.49
N GLN B 207 36.02 15.66 -10.05
CA GLN B 207 35.96 15.90 -11.50
C GLN B 207 36.81 14.87 -12.25
N LYS B 208 37.94 14.55 -11.63
CA LYS B 208 38.93 13.64 -12.18
C LYS B 208 38.48 12.17 -12.07
N VAL B 209 37.84 11.81 -10.95
CA VAL B 209 37.33 10.44 -10.75
C VAL B 209 36.11 10.18 -11.65
N HIS B 210 35.32 11.24 -11.85
CA HIS B 210 34.19 11.28 -12.79
C HIS B 210 34.62 10.90 -14.21
N THR B 211 35.87 11.23 -14.51
CA THR B 211 36.43 10.97 -15.82
C THR B 211 37.05 9.57 -15.88
N GLU B 212 37.81 9.21 -14.86
CA GLU B 212 38.48 7.90 -14.83
C GLU B 212 37.51 6.71 -14.74
N THR B 213 36.27 7.01 -14.31
CA THR B 213 35.25 6.00 -14.11
C THR B 213 34.17 6.10 -15.19
N ASN B 214 34.36 7.03 -16.13
CA ASN B 214 33.42 7.22 -17.23
C ASN B 214 32.04 7.67 -16.83
N GLY B 215 31.95 8.56 -15.85
CA GLY B 215 30.65 9.07 -15.46
C GLY B 215 29.99 8.17 -14.44
N LEU B 216 30.62 7.05 -14.08
CA LEU B 216 30.06 6.20 -13.01
C LEU B 216 29.96 6.95 -11.69
N LEU B 217 31.02 7.71 -11.35
CA LEU B 217 30.89 8.79 -10.38
C LEU B 217 30.12 9.93 -11.05
N LYS B 218 28.85 10.10 -10.65
CA LYS B 218 27.95 11.12 -11.23
C LYS B 218 28.26 12.50 -10.68
N GLY B 219 28.75 12.53 -9.44
CA GLY B 219 29.07 13.80 -8.82
C GLY B 219 29.12 13.69 -7.31
N VAL B 220 28.89 14.82 -6.63
CA VAL B 220 29.12 14.92 -5.21
C VAL B 220 27.97 15.65 -4.55
N ILE B 221 27.78 15.33 -3.27
CA ILE B 221 26.81 16.01 -2.44
C ILE B 221 27.58 16.85 -1.42
N VAL B 222 27.32 18.14 -1.39
CA VAL B 222 28.05 19.07 -0.54
C VAL B 222 27.13 19.45 0.62
N GLY B 223 27.59 19.11 1.83
CA GLY B 223 26.83 19.30 3.04
C GLY B 223 27.36 20.42 3.90
N ARG B 224 28.22 20.08 4.86
CA ARG B 224 28.77 21.05 5.81
C ARG B 224 29.34 22.30 5.10
N ALA B 225 30.19 22.09 4.10
CA ALA B 225 30.87 23.21 3.43
C ALA B 225 29.90 24.12 2.65
N PHE B 226 28.80 23.56 2.15
CA PHE B 226 27.72 24.34 1.53
C PHE B 226 26.92 25.19 2.57
N LEU B 227 26.42 24.53 3.61
CA LEU B 227 25.72 25.21 4.70
C LEU B 227 26.60 26.29 5.32
N GLU B 228 27.87 25.98 5.52
CA GLU B 228 28.81 26.95 6.11
C GLU B 228 29.26 28.07 5.17
N GLY B 229 29.04 27.89 3.86
CA GLY B 229 29.42 28.89 2.88
C GLY B 229 30.90 28.85 2.57
N ILE B 230 31.54 27.76 2.96
CA ILE B 230 32.95 27.51 2.67
C ILE B 230 33.13 27.17 1.18
N LEU B 231 32.20 26.38 0.65
CA LEU B 231 32.05 26.21 -0.80
C LEU B 231 30.80 27.00 -1.21
N THR B 232 31.02 28.12 -1.89
CA THR B 232 29.94 29.03 -2.31
C THR B 232 29.18 28.45 -3.50
N VAL B 233 27.97 28.95 -3.78
CA VAL B 233 27.22 28.49 -4.96
C VAL B 233 27.97 28.77 -6.25
N GLU B 234 28.68 29.89 -6.30
CA GLU B 234 29.49 30.30 -7.46
C GLU B 234 30.51 29.22 -7.79
N VAL B 235 31.23 28.77 -6.76
CA VAL B 235 32.28 27.77 -6.94
C VAL B 235 31.72 26.40 -7.28
N MET B 236 30.65 25.99 -6.59
CA MET B 236 29.96 24.75 -6.90
C MET B 236 29.49 24.74 -8.37
N LYS B 237 28.95 25.87 -8.84
CA LYS B 237 28.49 26.04 -10.22
C LYS B 237 29.62 25.86 -11.22
N ARG B 238 30.76 26.46 -10.91
CA ARG B 238 31.97 26.38 -11.73
C ARG B 238 32.47 24.94 -11.93
N TYR B 239 32.36 24.10 -10.90
CA TYR B 239 32.78 22.70 -11.00
C TYR B 239 31.71 21.78 -11.60
N ALA B 240 30.45 22.23 -11.56
CA ALA B 240 29.37 21.53 -12.25
C ALA B 240 29.41 21.81 -13.76
N ARG B 241 30.18 22.83 -14.13
CA ARG B 241 30.34 23.24 -15.53
C ARG B 241 31.34 22.35 -16.23
CL CL C . 28.93 16.83 5.23
#